data_9I24
#
_entry.id   9I24
#
_cell.length_a   48.473
_cell.length_b   72.419
_cell.length_c   82.335
_cell.angle_alpha   90.000
_cell.angle_beta   90.000
_cell.angle_gamma   90.000
#
_symmetry.space_group_name_H-M   'P 21 21 21'
#
loop_
_entity.id
_entity.type
_entity.pdbx_description
1 polymer 'Activated factor Xa heavy chain'
2 polymer 'Factor X light chain'
3 polymer 'Coagulation factor V heavy chain'
4 polymer 'GLU-GLY-ARG-chloromethyl ketone inhibitor (EGRCK)'
5 non-polymer 'CALCIUM ION'
6 non-polymer 'SODIUM ION'
7 non-polymer 'CHLORIDE ION'
8 non-polymer IMIDAZOLE
9 non-polymer L-alpha-glutamyl-N-{(1S)-4-{[amino(iminio)methyl]amino}-1-[(1S)-2-chloro-1-hydroxyethyl]butyl}glycinamide
10 non-polymer 'GLUTAMIC ACID'
11 non-polymer ISOLEUCINE
12 non-polymer PHENYLALANINE
13 non-polymer O-PHOSPHOTYROSINE
14 water water
#
loop_
_entity_poly.entity_id
_entity_poly.type
_entity_poly.pdbx_seq_one_letter_code
_entity_poly.pdbx_strand_id
1 'polypeptide(L)'
;IVGGQECKDGECPWQALLINEENEGFCGGTILSEFYILTAAHCLYQAKRFKVRVGDRNTEQEEGGEAVHEVEVVIKHNRF
TKETYDFDIAVLRLKTPITFRMNVAPACLPERDWAESTLMTQKTGIVSGFGRTHEKGRQSTRLKMLEVPYVDRNSCKLSS
SFIITQNMFCAGYDTKQEDACQGDSGGPHVTRFKDTYFVTGIVSWGEGCARKGKYGIYTKVTAFLKWIDRSMKTKTRGLP
KAKSHAPEVITSSP
;
H
2 'polypeptide(L)' MRKLCSLDNGDCDQFCHEEQNSVVCSCARGYTLADNGKACIPTGPYPCGKQTLER L
3 'polypeptide(L)' CIPDDDEDS(PTR)EIFEP C
4 'polypeptide(L)' EGR I
#
# COMPACT_ATOMS: atom_id res chain seq x y z
N ILE A 1 1.75 -13.51 3.63
CA ILE A 1 2.91 -12.92 4.37
C ILE A 1 3.65 -14.07 5.06
N VAL A 2 4.95 -14.17 4.78
CA VAL A 2 5.88 -15.11 5.40
C VAL A 2 6.55 -14.39 6.56
N GLY A 3 6.49 -15.00 7.75
CA GLY A 3 6.98 -14.31 8.94
C GLY A 3 6.03 -13.19 9.34
N GLY A 4 6.57 -12.17 10.00
CA GLY A 4 5.73 -11.09 10.45
C GLY A 4 4.84 -11.56 11.59
N GLN A 5 3.73 -10.84 11.76
CA GLN A 5 2.85 -11.09 12.88
C GLN A 5 1.44 -10.64 12.57
N GLU A 6 0.46 -11.11 13.32
N GLU A 6 0.49 -11.16 13.33
CA GLU A 6 -0.92 -10.71 13.09
CA GLU A 6 -0.88 -10.78 13.15
C GLU A 6 -1.09 -9.23 13.41
C GLU A 6 -1.03 -9.30 13.47
N CYS A 7 -1.81 -8.52 12.53
N CYS A 7 -1.79 -8.64 12.62
CA CYS A 7 -2.30 -7.19 12.84
CA CYS A 7 -2.14 -7.25 12.85
C CYS A 7 -3.24 -7.25 14.03
C CYS A 7 -3.23 -7.18 13.94
N LYS A 8 -3.04 -6.35 14.97
CA LYS A 8 -4.04 -6.17 16.01
C LYS A 8 -5.21 -5.40 15.42
N ASP A 9 -6.35 -5.48 16.09
CA ASP A 9 -7.54 -4.75 15.67
C ASP A 9 -7.18 -3.27 15.63
N GLY A 10 -7.45 -2.59 14.49
CA GLY A 10 -7.20 -1.17 14.37
C GLY A 10 -5.82 -0.83 13.82
N GLU A 11 -4.92 -1.81 13.74
CA GLU A 11 -3.53 -1.55 13.37
C GLU A 11 -3.27 -1.49 11.87
N CYS A 12 -4.07 -2.20 11.08
CA CYS A 12 -3.92 -2.27 9.61
C CYS A 12 -5.27 -1.93 8.99
N PRO A 13 -5.88 -0.76 9.30
CA PRO A 13 -7.30 -0.58 8.98
C PRO A 13 -7.56 -0.28 7.52
N TRP A 14 -6.49 0.00 6.76
CA TRP A 14 -6.54 0.31 5.33
C TRP A 14 -6.50 -0.96 4.48
N GLN A 15 -6.33 -2.14 5.08
CA GLN A 15 -6.32 -3.35 4.28
C GLN A 15 -7.72 -3.62 3.73
N ALA A 16 -7.76 -3.99 2.45
CA ALA A 16 -8.93 -4.57 1.82
C ALA A 16 -8.57 -5.95 1.32
N LEU A 17 -9.59 -6.79 1.14
CA LEU A 17 -9.45 -8.16 0.62
C LEU A 17 -10.33 -8.32 -0.59
N LEU A 18 -9.72 -8.69 -1.70
CA LEU A 18 -10.50 -9.04 -2.88
C LEU A 18 -10.93 -10.50 -2.76
N ILE A 19 -12.24 -10.71 -2.89
CA ILE A 19 -12.83 -12.02 -2.72
C ILE A 19 -13.49 -12.47 -4.03
N ASN A 20 -13.31 -13.73 -4.36
CA ASN A 20 -13.81 -14.27 -5.60
C ASN A 20 -15.26 -14.72 -5.48
N GLU A 21 -15.76 -15.46 -6.50
CA GLU A 21 -17.12 -15.93 -6.58
C GLU A 21 -17.50 -16.84 -5.42
N GLU A 22 -16.53 -17.60 -4.91
CA GLU A 22 -16.73 -18.46 -3.75
C GLU A 22 -16.38 -17.76 -2.44
N ASN A 23 -16.33 -16.42 -2.46
CA ASN A 23 -16.08 -15.59 -1.32
C ASN A 23 -14.71 -15.89 -0.67
N GLU A 24 -13.74 -16.36 -1.46
CA GLU A 24 -12.40 -16.64 -0.99
C GLU A 24 -11.49 -15.50 -1.41
N GLY A 25 -10.62 -15.10 -0.49
CA GLY A 25 -9.64 -14.06 -0.77
C GLY A 25 -8.56 -14.53 -1.72
N PHE A 26 -8.19 -13.65 -2.66
CA PHE A 26 -7.13 -13.99 -3.60
C PHE A 26 -6.12 -12.86 -3.79
N CYS A 27 -6.40 -11.66 -3.25
CA CYS A 27 -5.53 -10.51 -3.41
C CYS A 27 -5.94 -9.50 -2.35
N GLY A 28 -5.05 -8.55 -2.09
CA GLY A 28 -5.34 -7.43 -1.23
C GLY A 28 -5.62 -6.16 -2.04
N GLY A 29 -5.88 -5.10 -1.26
CA GLY A 29 -6.02 -3.76 -1.72
C GLY A 29 -5.76 -2.81 -0.58
N THR A 30 -5.62 -1.52 -0.92
CA THR A 30 -5.50 -0.47 0.08
C THR A 30 -6.67 0.49 -0.04
N ILE A 31 -7.35 0.76 1.08
CA ILE A 31 -8.39 1.76 1.08
C ILE A 31 -7.77 3.13 0.94
N LEU A 32 -8.21 3.86 -0.09
CA LEU A 32 -7.75 5.23 -0.36
C LEU A 32 -8.77 6.28 0.10
N SER A 33 -10.05 5.94 0.06
CA SER A 33 -11.14 6.87 0.36
C SER A 33 -12.39 6.03 0.44
N GLU A 34 -13.53 6.68 0.64
CA GLU A 34 -14.75 5.92 0.85
C GLU A 34 -15.13 5.11 -0.39
N PHE A 35 -14.76 5.58 -1.60
CA PHE A 35 -15.16 4.90 -2.83
C PHE A 35 -14.03 4.18 -3.54
N TYR A 36 -12.75 4.33 -3.12
CA TYR A 36 -11.66 3.86 -3.96
C TYR A 36 -10.70 2.96 -3.22
N ILE A 37 -10.34 1.86 -3.90
CA ILE A 37 -9.36 0.89 -3.47
C ILE A 37 -8.21 0.83 -4.46
N LEU A 38 -6.95 0.86 -3.97
CA LEU A 38 -5.79 0.65 -4.80
C LEU A 38 -5.46 -0.84 -4.81
N THR A 39 -5.12 -1.41 -5.97
CA THR A 39 -4.74 -2.80 -6.03
C THR A 39 -3.74 -3.00 -7.17
N ALA A 40 -3.41 -4.26 -7.44
CA ALA A 40 -2.51 -4.63 -8.52
C ALA A 40 -3.31 -5.03 -9.76
N ALA A 41 -2.88 -4.54 -10.92
CA ALA A 41 -3.49 -4.96 -12.19
C ALA A 41 -3.52 -6.48 -12.34
N HIS A 42 -2.44 -7.16 -11.92
CA HIS A 42 -2.39 -8.60 -12.20
C HIS A 42 -3.46 -9.37 -11.44
N CYS A 43 -3.97 -8.82 -10.34
CA CYS A 43 -5.04 -9.46 -9.60
C CYS A 43 -6.31 -9.58 -10.41
N LEU A 44 -6.50 -8.70 -11.41
CA LEU A 44 -7.72 -8.66 -12.20
C LEU A 44 -7.87 -9.92 -13.03
N TYR A 45 -6.76 -10.61 -13.31
CA TYR A 45 -6.77 -11.82 -14.12
C TYR A 45 -7.03 -13.06 -13.28
N GLN A 46 -7.16 -12.92 -11.95
CA GLN A 46 -7.15 -14.09 -11.07
C GLN A 46 -8.52 -14.50 -10.56
N ALA A 47 -9.55 -13.73 -10.90
CA ALA A 47 -10.92 -14.09 -10.66
C ALA A 47 -11.72 -13.40 -11.77
N LYS A 48 -12.73 -14.07 -12.25
CA LYS A 48 -13.55 -13.47 -13.29
C LYS A 48 -14.55 -12.48 -12.69
N ARG A 49 -15.03 -12.75 -11.48
CA ARG A 49 -15.82 -11.75 -10.78
C ARG A 49 -15.38 -11.73 -9.32
N PHE A 50 -15.31 -10.52 -8.77
CA PHE A 50 -14.84 -10.37 -7.40
C PHE A 50 -15.48 -9.14 -6.76
N LYS A 51 -15.46 -9.15 -5.43
CA LYS A 51 -15.92 -8.06 -4.61
C LYS A 51 -14.83 -7.70 -3.63
N VAL A 52 -15.08 -6.67 -2.81
CA VAL A 52 -14.09 -6.15 -1.87
C VAL A 52 -14.64 -6.26 -0.45
N ARG A 53 -13.88 -6.89 0.41
CA ARG A 53 -14.23 -6.98 1.82
C ARG A 53 -13.28 -6.12 2.63
N VAL A 54 -13.87 -5.30 3.52
CA VAL A 54 -13.12 -4.48 4.43
C VAL A 54 -13.44 -4.91 5.87
N GLY A 55 -12.54 -4.62 6.80
CA GLY A 55 -12.78 -4.91 8.21
C GLY A 55 -12.61 -6.36 8.63
N ASP A 56 -12.15 -7.24 7.76
CA ASP A 56 -12.03 -8.66 8.12
C ASP A 56 -10.78 -8.87 8.95
N ARG A 57 -10.91 -9.66 10.04
CA ARG A 57 -9.80 -10.11 10.87
C ARG A 57 -9.67 -11.64 10.90
N ASN A 58 -10.59 -12.36 10.30
CA ASN A 58 -10.57 -13.80 10.37
C ASN A 58 -11.42 -14.31 9.21
N THR A 59 -10.79 -14.78 8.14
CA THR A 59 -11.58 -15.12 6.95
C THR A 59 -12.50 -16.33 7.12
N GLU A 60 -12.34 -17.11 8.18
N GLU A 60 -12.30 -17.06 8.21
CA GLU A 60 -13.14 -18.31 8.21
CA GLU A 60 -13.01 -18.32 8.37
C GLU A 60 -14.25 -18.15 9.24
C GLU A 60 -14.38 -18.08 8.96
N GLN A 61 -14.56 -16.93 9.63
CA GLN A 61 -15.76 -16.70 10.40
C GLN A 61 -16.22 -15.26 10.31
N GLU A 62 -17.54 -15.08 10.26
CA GLU A 62 -18.14 -13.76 10.34
C GLU A 62 -18.13 -13.33 11.81
N GLU A 63 -17.38 -12.28 12.15
CA GLU A 63 -17.15 -11.82 13.53
C GLU A 63 -17.87 -10.50 13.86
N GLY A 64 -18.39 -9.82 12.84
N GLY A 64 -18.23 -9.68 12.84
CA GLY A 64 -18.86 -8.46 13.02
CA GLY A 64 -19.19 -8.60 13.02
C GLY A 64 -17.73 -7.50 12.68
C GLY A 64 -18.77 -7.27 12.38
N GLY A 65 -18.10 -6.43 11.99
N GLY A 65 -17.47 -7.10 12.16
CA GLY A 65 -17.12 -5.48 11.52
CA GLY A 65 -16.96 -5.82 11.69
C GLY A 65 -16.78 -5.68 10.06
C GLY A 65 -16.69 -5.79 10.18
N GLU A 66 -17.06 -6.87 9.47
CA GLU A 66 -16.79 -7.01 8.05
C GLU A 66 -17.88 -6.31 7.24
N ALA A 67 -17.50 -5.79 6.07
CA ALA A 67 -18.47 -5.36 5.08
C ALA A 67 -17.93 -5.69 3.70
N VAL A 68 -18.85 -6.06 2.81
CA VAL A 68 -18.53 -6.38 1.42
C VAL A 68 -19.15 -5.30 0.54
N HIS A 69 -18.33 -4.87 -0.42
CA HIS A 69 -18.70 -3.87 -1.38
C HIS A 69 -18.47 -4.38 -2.78
N GLU A 70 -19.49 -4.17 -3.62
CA GLU A 70 -19.36 -4.49 -5.03
C GLU A 70 -18.55 -3.39 -5.73
N VAL A 71 -17.89 -3.80 -6.81
CA VAL A 71 -17.11 -2.89 -7.62
C VAL A 71 -17.95 -2.33 -8.77
N GLU A 72 -17.99 -1.00 -8.88
CA GLU A 72 -18.66 -0.33 -9.99
C GLU A 72 -17.80 -0.31 -11.23
N VAL A 73 -16.53 0.13 -11.07
N VAL A 73 -16.53 0.06 -11.09
CA VAL A 73 -15.58 0.34 -12.15
CA VAL A 73 -15.68 0.05 -12.25
C VAL A 73 -14.24 -0.25 -11.74
C VAL A 73 -14.24 -0.20 -11.81
N VAL A 74 -13.54 -0.93 -12.66
CA VAL A 74 -12.13 -1.22 -12.54
C VAL A 74 -11.38 -0.32 -13.50
N ILE A 75 -10.36 0.36 -12.97
CA ILE A 75 -9.50 1.23 -13.76
C ILE A 75 -8.11 0.62 -13.77
N LYS A 76 -7.69 0.03 -14.88
CA LYS A 76 -6.44 -0.70 -15.00
C LYS A 76 -5.45 0.15 -15.77
N HIS A 77 -4.18 0.16 -15.34
CA HIS A 77 -3.19 0.87 -16.13
C HIS A 77 -3.09 0.21 -17.51
N ASN A 78 -3.12 1.03 -18.56
CA ASN A 78 -3.14 0.43 -19.90
C ASN A 78 -1.75 -0.11 -20.34
N ARG A 79 -0.69 0.15 -19.56
N ARG A 79 -0.69 0.17 -19.56
CA ARG A 79 0.62 -0.33 -19.91
CA ARG A 79 0.63 -0.32 -19.90
C ARG A 79 1.02 -1.56 -19.09
C ARG A 79 1.02 -1.55 -19.09
N PHE A 80 0.12 -2.08 -18.25
CA PHE A 80 0.41 -3.31 -17.55
C PHE A 80 0.77 -4.45 -18.51
N THR A 81 1.84 -5.20 -18.19
CA THR A 81 2.26 -6.31 -19.02
C THR A 81 2.71 -7.45 -18.12
N LYS A 82 2.23 -8.67 -18.41
CA LYS A 82 2.69 -9.87 -17.71
C LYS A 82 4.09 -10.29 -18.12
N GLU A 83 4.65 -9.71 -19.17
CA GLU A 83 6.02 -10.03 -19.55
C GLU A 83 7.00 -9.64 -18.44
N THR A 84 6.73 -8.51 -17.76
CA THR A 84 7.65 -7.93 -16.79
C THR A 84 6.97 -7.55 -15.47
N TYR A 85 5.63 -7.49 -15.45
CA TYR A 85 4.84 -6.96 -14.35
C TYR A 85 5.06 -5.45 -14.20
N ASP A 86 5.56 -4.77 -15.23
CA ASP A 86 5.60 -3.33 -15.19
C ASP A 86 4.16 -2.78 -15.16
N PHE A 87 4.02 -1.62 -14.53
CA PHE A 87 2.74 -0.94 -14.47
C PHE A 87 1.67 -1.77 -13.75
N ASP A 88 2.06 -2.44 -12.67
CA ASP A 88 1.16 -3.36 -11.96
C ASP A 88 0.29 -2.58 -10.97
N ILE A 89 -0.73 -1.92 -11.51
CA ILE A 89 -1.55 -1.01 -10.74
C ILE A 89 -2.95 -0.96 -11.35
N ALA A 90 -3.93 -0.92 -10.45
CA ALA A 90 -5.32 -0.70 -10.81
C ALA A 90 -5.99 0.01 -9.64
N VAL A 91 -7.09 0.71 -9.93
CA VAL A 91 -7.95 1.30 -8.93
C VAL A 91 -9.38 0.77 -9.12
N LEU A 92 -10.03 0.52 -7.99
CA LEU A 92 -11.41 0.06 -7.99
C LEU A 92 -12.28 1.17 -7.44
N ARG A 93 -13.34 1.52 -8.16
N ARG A 93 -13.34 1.50 -8.15
CA ARG A 93 -14.39 2.38 -7.65
CA ARG A 93 -14.40 2.38 -7.66
C ARG A 93 -15.53 1.49 -7.18
C ARG A 93 -15.54 1.49 -7.19
N LEU A 94 -15.91 1.66 -5.91
CA LEU A 94 -16.98 0.86 -5.32
C LEU A 94 -18.35 1.43 -5.67
N LYS A 95 -19.35 0.55 -5.66
CA LYS A 95 -20.73 0.95 -5.88
C LYS A 95 -21.35 1.70 -4.69
N THR A 96 -20.95 1.32 -3.48
CA THR A 96 -21.44 1.91 -2.25
C THR A 96 -20.21 2.34 -1.44
N PRO A 97 -20.29 3.47 -0.72
CA PRO A 97 -19.12 3.98 0.02
C PRO A 97 -18.87 3.17 1.29
N ILE A 98 -17.60 3.03 1.61
CA ILE A 98 -17.16 2.44 2.86
C ILE A 98 -17.54 3.35 4.02
N THR A 99 -18.01 2.74 5.11
CA THR A 99 -18.24 3.44 6.37
C THR A 99 -16.99 3.27 7.23
N PHE A 100 -16.20 4.35 7.38
CA PHE A 100 -15.03 4.26 8.23
C PHE A 100 -15.46 4.04 9.67
N ARG A 101 -14.66 3.23 10.38
CA ARG A 101 -15.02 2.74 11.69
C ARG A 101 -13.79 2.05 12.27
N MET A 102 -13.94 1.47 13.45
CA MET A 102 -12.83 0.70 13.98
C MET A 102 -12.39 -0.33 12.95
N ASN A 103 -11.09 -0.35 12.67
CA ASN A 103 -10.49 -1.31 11.78
C ASN A 103 -10.73 -1.04 10.29
N VAL A 104 -11.30 0.13 9.93
CA VAL A 104 -11.63 0.45 8.55
C VAL A 104 -11.36 1.94 8.36
N ALA A 105 -10.24 2.29 7.71
CA ALA A 105 -9.84 3.68 7.56
C ALA A 105 -8.86 3.75 6.39
N PRO A 106 -8.78 4.90 5.67
CA PRO A 106 -7.90 5.01 4.51
C PRO A 106 -6.45 5.24 4.92
N ALA A 107 -5.52 4.80 4.06
CA ALA A 107 -4.13 5.20 4.10
C ALA A 107 -3.98 6.51 3.33
N CYS A 108 -2.98 7.34 3.71
CA CYS A 108 -2.79 8.60 3.01
C CYS A 108 -1.98 8.42 1.74
N LEU A 109 -2.35 9.17 0.71
CA LEU A 109 -1.49 9.32 -0.46
C LEU A 109 -0.53 10.46 -0.13
N PRO A 110 0.77 10.27 -0.29
CA PRO A 110 1.70 11.37 -0.04
C PRO A 110 1.85 12.27 -1.25
N GLU A 111 2.39 13.47 -0.99
CA GLU A 111 2.83 14.35 -2.03
C GLU A 111 4.04 13.73 -2.71
N ARG A 112 4.09 13.85 -4.05
CA ARG A 112 5.00 13.02 -4.82
C ARG A 112 6.48 13.32 -4.59
N ASP A 113 6.91 14.58 -4.58
CA ASP A 113 8.34 14.84 -4.42
C ASP A 113 8.84 14.55 -3.03
N TRP A 114 8.05 14.95 -2.04
CA TRP A 114 8.38 14.65 -0.66
C TRP A 114 8.41 13.13 -0.41
N ALA A 115 7.51 12.38 -1.04
CA ALA A 115 7.49 10.91 -0.91
C ALA A 115 8.85 10.35 -1.37
N GLU A 116 9.33 10.85 -2.50
CA GLU A 116 10.58 10.33 -3.06
C GLU A 116 11.77 10.68 -2.19
N SER A 117 11.81 11.89 -1.63
CA SER A 117 12.98 12.35 -0.89
C SER A 117 12.94 11.97 0.61
N THR A 118 11.75 11.84 1.20
CA THR A 118 11.56 11.61 2.63
C THR A 118 11.01 10.21 2.95
N LEU A 119 9.91 9.78 2.32
CA LEU A 119 9.34 8.45 2.62
C LEU A 119 10.23 7.32 2.12
N MET A 120 10.67 7.43 0.88
CA MET A 120 11.42 6.33 0.30
C MET A 120 12.80 6.23 0.94
N THR A 121 13.24 7.24 1.71
CA THR A 121 14.51 7.20 2.39
C THR A 121 14.38 6.77 3.85
N GLN A 122 13.15 6.46 4.31
CA GLN A 122 12.98 5.78 5.61
C GLN A 122 13.61 4.38 5.55
N LYS A 123 13.92 3.80 6.70
CA LYS A 123 14.59 2.52 6.71
C LYS A 123 13.64 1.40 6.25
N THR A 124 12.35 1.49 6.64
CA THR A 124 11.41 0.39 6.50
C THR A 124 10.04 0.88 6.14
N GLY A 125 9.28 -0.07 5.60
CA GLY A 125 7.83 0.03 5.40
C GLY A 125 7.14 -1.20 5.99
N ILE A 126 5.83 -1.21 5.94
CA ILE A 126 4.99 -2.26 6.45
C ILE A 126 4.15 -2.83 5.31
N VAL A 127 4.26 -4.14 5.09
CA VAL A 127 3.43 -4.84 4.11
C VAL A 127 2.44 -5.73 4.87
N SER A 128 1.23 -5.92 4.32
CA SER A 128 0.22 -6.71 5.02
C SER A 128 -0.60 -7.51 4.02
N GLY A 129 -1.22 -8.56 4.55
CA GLY A 129 -2.14 -9.34 3.74
C GLY A 129 -2.50 -10.67 4.36
N PHE A 130 -3.45 -11.30 3.67
CA PHE A 130 -4.00 -12.60 3.96
C PHE A 130 -3.38 -13.72 3.10
N GLY A 131 -2.28 -13.43 2.38
CA GLY A 131 -1.73 -14.38 1.46
C GLY A 131 -0.96 -15.51 2.15
N ARG A 132 -0.31 -16.31 1.30
CA ARG A 132 0.37 -17.50 1.78
C ARG A 132 1.44 -17.17 2.81
N THR A 133 1.55 -18.09 3.79
CA THR A 133 2.44 -17.88 4.93
C THR A 133 3.80 -18.51 4.74
N HIS A 134 3.94 -19.26 3.64
CA HIS A 134 5.19 -19.84 3.15
C HIS A 134 5.02 -19.99 1.63
N GLU A 135 6.14 -19.94 0.93
CA GLU A 135 6.14 -20.24 -0.49
C GLU A 135 5.43 -21.57 -0.70
N LYS A 136 4.49 -21.62 -1.64
CA LYS A 136 3.73 -22.81 -1.98
C LYS A 136 2.90 -23.37 -0.83
N GLY A 137 2.67 -22.53 0.19
CA GLY A 137 1.91 -22.86 1.36
C GLY A 137 0.46 -22.40 1.27
N ARG A 138 -0.15 -22.21 2.45
N ARG A 138 -0.12 -22.14 2.45
CA ARG A 138 -1.57 -21.89 2.53
CA ARG A 138 -1.54 -21.88 2.59
C ARG A 138 -1.70 -20.41 2.90
C ARG A 138 -1.73 -20.43 2.96
N GLN A 139 -2.84 -19.84 2.50
CA GLN A 139 -3.19 -18.49 2.91
C GLN A 139 -3.51 -18.45 4.40
N SER A 140 -3.26 -17.29 4.96
CA SER A 140 -3.53 -17.02 6.35
C SER A 140 -5.01 -16.71 6.52
N THR A 141 -5.62 -17.24 7.56
CA THR A 141 -6.98 -16.82 7.88
C THR A 141 -6.96 -15.49 8.62
N ARG A 142 -5.82 -15.10 9.20
CA ARG A 142 -5.68 -13.87 9.95
C ARG A 142 -4.89 -12.87 9.12
N LEU A 143 -5.18 -11.61 9.32
CA LEU A 143 -4.43 -10.55 8.63
C LEU A 143 -3.07 -10.41 9.27
N LYS A 144 -2.02 -10.49 8.45
CA LYS A 144 -0.68 -10.36 8.94
C LYS A 144 -0.02 -9.08 8.41
N MET A 145 0.94 -8.57 9.19
N MET A 145 0.95 -8.58 9.18
CA MET A 145 1.78 -7.45 8.78
CA MET A 145 1.78 -7.47 8.74
C MET A 145 3.23 -7.85 8.95
C MET A 145 3.23 -7.83 8.95
N LEU A 146 4.09 -7.10 8.28
CA LEU A 146 5.51 -7.37 8.30
C LEU A 146 6.27 -6.09 7.98
N GLU A 147 7.28 -5.80 8.78
CA GLU A 147 8.18 -4.69 8.53
C GLU A 147 9.25 -5.16 7.53
N VAL A 148 9.38 -4.44 6.44
CA VAL A 148 10.33 -4.76 5.38
C VAL A 148 11.27 -3.60 5.14
N PRO A 149 12.59 -3.81 5.23
CA PRO A 149 13.55 -2.77 4.84
C PRO A 149 13.46 -2.40 3.38
N TYR A 150 13.56 -1.12 3.07
N TYR A 150 13.61 -1.11 3.07
CA TYR A 150 13.83 -0.72 1.69
CA TYR A 150 13.87 -0.71 1.69
C TYR A 150 15.17 -1.29 1.27
C TYR A 150 15.20 -1.32 1.27
N VAL A 151 15.25 -1.73 0.01
CA VAL A 151 16.47 -2.28 -0.56
C VAL A 151 16.86 -1.40 -1.73
N ASP A 152 18.13 -0.98 -1.78
CA ASP A 152 18.53 -0.05 -2.84
C ASP A 152 18.45 -0.71 -4.21
N ARG A 153 18.22 0.13 -5.22
N ARG A 153 18.23 0.13 -5.21
CA ARG A 153 17.94 -0.31 -6.57
CA ARG A 153 17.94 -0.31 -6.56
C ARG A 153 19.10 -1.13 -7.13
C ARG A 153 19.10 -1.12 -7.14
N ASN A 154 20.34 -0.76 -6.83
CA ASN A 154 21.47 -1.46 -7.42
C ASN A 154 21.54 -2.91 -6.91
N SER A 155 21.42 -3.05 -5.59
CA SER A 155 21.38 -4.35 -4.94
C SER A 155 20.20 -5.15 -5.46
N CYS A 156 19.09 -4.49 -5.67
N CYS A 156 19.02 -4.47 -5.60
CA CYS A 156 17.97 -5.29 -6.12
CA CYS A 156 17.77 -5.02 -6.16
C CYS A 156 18.15 -5.79 -7.54
C CYS A 156 18.04 -5.69 -7.51
N LYS A 157 18.62 -4.93 -8.44
CA LYS A 157 18.88 -5.38 -9.79
C LYS A 157 19.90 -6.52 -9.81
N LEU A 158 20.96 -6.46 -8.97
CA LEU A 158 21.94 -7.54 -8.90
C LEU A 158 21.31 -8.87 -8.47
N SER A 159 20.32 -8.77 -7.60
CA SER A 159 19.67 -9.93 -7.03
C SER A 159 18.68 -10.58 -7.97
N SER A 160 18.20 -9.84 -8.98
CA SER A 160 17.00 -10.20 -9.70
C SER A 160 17.30 -10.79 -11.08
N SER A 161 16.61 -11.90 -11.40
CA SER A 161 16.70 -12.54 -12.70
C SER A 161 15.82 -11.87 -13.75
N PHE A 162 15.03 -10.88 -13.32
CA PHE A 162 14.05 -10.17 -14.13
C PHE A 162 14.21 -8.67 -13.95
N ILE A 163 13.84 -7.91 -14.98
CA ILE A 163 14.03 -6.49 -14.99
C ILE A 163 13.29 -5.80 -13.84
N ILE A 164 13.98 -4.86 -13.22
CA ILE A 164 13.42 -3.95 -12.22
C ILE A 164 13.28 -2.61 -12.95
N THR A 165 12.03 -2.17 -13.22
CA THR A 165 11.82 -0.91 -13.92
C THR A 165 11.76 0.21 -12.91
N GLN A 166 11.67 1.45 -13.44
CA GLN A 166 11.57 2.62 -12.60
C GLN A 166 10.22 2.68 -11.88
N ASN A 167 9.28 1.84 -12.29
CA ASN A 167 7.95 1.76 -11.67
C ASN A 167 7.88 0.73 -10.56
N MET A 168 9.03 0.18 -10.16
CA MET A 168 9.10 -0.86 -9.13
C MET A 168 10.15 -0.46 -8.10
N PHE A 169 10.05 -1.05 -6.90
CA PHE A 169 11.11 -1.02 -5.92
C PHE A 169 11.16 -2.34 -5.19
N CYS A 170 12.21 -2.46 -4.39
N CYS A 170 12.38 -2.71 -4.69
CA CYS A 170 12.44 -3.70 -3.72
CA CYS A 170 12.63 -3.89 -3.84
C CYS A 170 12.47 -3.48 -2.23
C CYS A 170 12.45 -3.52 -2.36
N ALA A 171 11.94 -4.47 -1.54
CA ALA A 171 11.92 -4.40 -0.09
C ALA A 171 11.96 -5.81 0.50
N GLY A 172 12.52 -5.93 1.71
CA GLY A 172 12.58 -7.20 2.39
C GLY A 172 14.02 -7.53 2.78
N TYR A 173 14.30 -8.82 2.75
CA TYR A 173 15.51 -9.38 3.36
C TYR A 173 16.21 -10.30 2.38
N ASP A 174 17.54 -10.32 2.49
CA ASP A 174 18.35 -11.24 1.72
C ASP A 174 18.04 -12.70 2.11
N THR A 175 18.29 -13.05 3.38
CA THR A 175 18.12 -14.44 3.79
C THR A 175 17.07 -14.63 4.88
N LYS A 176 16.76 -13.61 5.68
CA LYS A 176 15.75 -13.72 6.72
C LYS A 176 14.45 -14.13 6.05
N GLN A 177 13.76 -15.09 6.67
CA GLN A 177 12.58 -15.71 6.10
C GLN A 177 11.33 -14.90 6.37
N GLU A 178 11.31 -13.68 5.80
CA GLU A 178 10.15 -12.80 5.91
C GLU A 178 9.97 -12.10 4.57
N ASP A 179 8.73 -12.09 4.04
CA ASP A 179 8.43 -11.52 2.73
C ASP A 179 6.92 -11.56 2.53
N ALA A 180 6.44 -10.86 1.51
CA ALA A 180 5.10 -11.09 1.00
C ALA A 180 5.10 -12.32 0.10
N CYS A 181 3.90 -12.74 -0.33
CA CYS A 181 3.80 -13.96 -1.10
C CYS A 181 2.53 -13.92 -1.96
N GLN A 182 2.31 -15.00 -2.71
CA GLN A 182 1.06 -15.14 -3.44
C GLN A 182 -0.14 -14.96 -2.50
N GLY A 183 -1.16 -14.27 -3.03
CA GLY A 183 -2.33 -13.88 -2.27
C GLY A 183 -2.24 -12.51 -1.62
N ASP A 184 -1.02 -11.97 -1.50
CA ASP A 184 -0.81 -10.65 -0.91
C ASP A 184 -0.86 -9.58 -1.98
N SER A 185 -0.76 -9.90 -3.27
CA SER A 185 -0.69 -8.88 -4.31
C SER A 185 -1.83 -7.90 -4.17
N GLY A 186 -1.49 -6.65 -4.50
CA GLY A 186 -2.48 -5.60 -4.45
C GLY A 186 -2.56 -4.92 -3.11
N GLY A 187 -2.10 -5.59 -2.07
CA GLY A 187 -2.21 -5.03 -0.73
C GLY A 187 -1.21 -3.94 -0.46
N PRO A 188 -1.32 -3.33 0.71
CA PRO A 188 -0.53 -2.16 1.06
C PRO A 188 0.91 -2.47 1.41
N HIS A 189 1.80 -1.62 0.90
CA HIS A 189 3.08 -1.29 1.50
C HIS A 189 2.96 0.16 1.92
N VAL A 190 3.01 0.40 3.23
CA VAL A 190 2.86 1.75 3.79
C VAL A 190 4.13 2.11 4.53
N THR A 191 4.43 3.40 4.55
CA THR A 191 5.57 3.91 5.28
C THR A 191 5.08 4.90 6.32
N ARG A 192 5.49 4.66 7.57
CA ARG A 192 5.12 5.54 8.67
C ARG A 192 6.09 6.71 8.72
N PHE A 193 5.55 7.91 8.89
CA PHE A 193 6.39 9.08 9.02
C PHE A 193 5.66 10.01 9.97
N LYS A 194 6.33 10.38 11.08
CA LYS A 194 5.73 11.20 12.13
C LYS A 194 4.30 10.75 12.43
N ASP A 195 4.16 9.45 12.67
CA ASP A 195 2.91 8.88 13.19
C ASP A 195 1.74 8.89 12.20
N THR A 196 2.04 8.97 10.91
CA THR A 196 1.03 8.88 9.86
C THR A 196 1.55 7.87 8.86
N TYR A 197 0.64 7.01 8.40
CA TYR A 197 0.94 5.98 7.41
C TYR A 197 0.55 6.40 6.00
N PHE A 198 1.53 6.37 5.11
CA PHE A 198 1.38 6.78 3.72
C PHE A 198 1.58 5.56 2.82
N VAL A 199 0.73 5.44 1.82
CA VAL A 199 0.84 4.43 0.78
CA VAL A 199 0.91 4.30 0.92
C VAL A 199 2.07 4.62 -0.05
N THR A 200 3.01 3.66 -0.07
CA THR A 200 4.23 3.76 -0.84
C THR A 200 4.38 2.65 -1.85
N GLY A 201 3.70 1.50 -1.66
CA GLY A 201 3.85 0.41 -2.58
C GLY A 201 2.61 -0.42 -2.72
N ILE A 202 2.63 -1.25 -3.76
CA ILE A 202 1.60 -2.27 -3.99
C ILE A 202 2.35 -3.59 -4.10
N VAL A 203 1.95 -4.63 -3.35
CA VAL A 203 2.60 -5.93 -3.49
C VAL A 203 2.41 -6.38 -4.94
N SER A 204 3.50 -6.71 -5.62
CA SER A 204 3.44 -7.00 -7.06
C SER A 204 3.98 -8.38 -7.44
N TRP A 205 5.27 -8.67 -7.20
CA TRP A 205 5.82 -9.94 -7.66
C TRP A 205 7.07 -10.31 -6.85
N GLY A 206 7.60 -11.50 -7.13
CA GLY A 206 8.86 -11.90 -6.57
C GLY A 206 9.24 -13.26 -7.12
N GLU A 207 10.51 -13.61 -6.95
N GLU A 207 10.52 -13.62 -6.95
CA GLU A 207 10.99 -14.93 -7.27
CA GLU A 207 11.00 -14.94 -7.31
C GLU A 207 10.84 -15.76 -5.99
C GLU A 207 10.90 -15.81 -6.05
N GLY A 208 9.87 -16.65 -5.99
CA GLY A 208 9.50 -17.34 -4.76
C GLY A 208 8.94 -16.39 -3.70
N CYS A 209 8.97 -16.85 -2.46
CA CYS A 209 8.64 -16.03 -1.30
C CYS A 209 9.71 -16.25 -0.24
N ALA A 210 10.30 -15.16 0.26
CA ALA A 210 11.35 -15.21 1.25
C ALA A 210 12.51 -16.09 0.78
N ARG A 211 12.78 -16.14 -0.52
CA ARG A 211 13.89 -16.94 -1.02
CA ARG A 211 13.88 -16.93 -1.04
C ARG A 211 15.20 -16.25 -0.71
N LYS A 212 16.22 -17.04 -0.39
CA LYS A 212 17.55 -16.52 -0.14
C LYS A 212 18.04 -15.80 -1.40
N GLY A 213 18.58 -14.61 -1.21
CA GLY A 213 19.13 -13.80 -2.30
C GLY A 213 18.10 -13.13 -3.21
N LYS A 214 16.82 -13.17 -2.82
CA LYS A 214 15.77 -12.48 -3.53
C LYS A 214 14.97 -11.60 -2.57
N TYR A 215 14.35 -10.55 -3.13
CA TYR A 215 13.56 -9.58 -2.40
C TYR A 215 12.11 -9.62 -2.88
N GLY A 216 11.24 -8.93 -2.16
CA GLY A 216 9.91 -8.65 -2.66
C GLY A 216 9.92 -7.45 -3.58
N ILE A 217 9.12 -7.52 -4.64
CA ILE A 217 9.06 -6.44 -5.62
C ILE A 217 7.67 -5.81 -5.55
N TYR A 218 7.66 -4.47 -5.53
CA TYR A 218 6.50 -3.65 -5.26
C TYR A 218 6.34 -2.62 -6.37
N THR A 219 5.07 -2.36 -6.74
CA THR A 219 4.79 -1.21 -7.59
C THR A 219 5.10 0.05 -6.80
N LYS A 220 5.82 0.97 -7.44
N LYS A 220 5.82 0.97 -7.43
CA LYS A 220 6.24 2.21 -6.83
CA LYS A 220 6.24 2.21 -6.81
C LYS A 220 5.11 3.22 -6.94
C LYS A 220 5.11 3.22 -6.94
N VAL A 221 4.38 3.44 -5.85
CA VAL A 221 3.22 4.30 -5.89
C VAL A 221 3.55 5.74 -6.24
N THR A 222 4.74 6.22 -5.87
CA THR A 222 5.09 7.58 -6.20
C THR A 222 5.11 7.85 -7.70
N ALA A 223 5.37 6.81 -8.49
CA ALA A 223 5.40 6.94 -9.94
C ALA A 223 4.00 7.05 -10.53
N PHE A 224 2.97 6.81 -9.75
CA PHE A 224 1.61 6.75 -10.22
C PHE A 224 0.69 7.70 -9.44
N LEU A 225 1.21 8.67 -8.69
CA LEU A 225 0.31 9.50 -7.92
C LEU A 225 -0.63 10.30 -8.82
N LYS A 226 -0.12 10.86 -9.90
CA LYS A 226 -1.00 11.60 -10.81
C LYS A 226 -2.02 10.66 -11.47
N TRP A 227 -1.59 9.45 -11.84
CA TRP A 227 -2.48 8.45 -12.44
C TRP A 227 -3.61 8.08 -11.47
N ILE A 228 -3.30 7.88 -10.19
CA ILE A 228 -4.26 7.53 -9.19
C ILE A 228 -5.27 8.64 -9.02
N ASP A 229 -4.78 9.87 -8.97
CA ASP A 229 -5.67 11.02 -8.86
C ASP A 229 -6.64 11.04 -10.04
N ARG A 230 -6.11 10.86 -11.26
CA ARG A 230 -6.95 10.91 -12.45
C ARG A 230 -7.97 9.77 -12.47
N SER A 231 -7.63 8.60 -11.88
CA SER A 231 -8.47 7.42 -11.91
C SER A 231 -9.79 7.67 -11.19
N MET A 232 -9.81 8.65 -10.30
CA MET A 232 -11.05 9.02 -9.67
C MET A 232 -11.83 10.10 -10.42
N LYS A 233 -11.57 10.25 -11.74
CA LYS A 233 -12.30 11.23 -12.54
C LYS A 233 -12.87 10.61 -13.82
N THR A 234 -12.67 9.31 -14.07
CA THR A 234 -13.36 8.67 -15.19
C THR A 234 -14.85 8.97 -15.12
N ARG B 2 17.40 29.50 9.41
CA ARG B 2 16.20 29.19 8.58
C ARG B 2 15.89 27.71 8.69
N LYS B 3 14.59 27.39 8.60
CA LYS B 3 14.14 26.02 8.53
C LYS B 3 14.52 25.40 7.17
N LEU B 4 14.71 24.08 7.21
CA LEU B 4 15.03 23.27 6.03
C LEU B 4 14.27 21.96 6.13
N CYS B 5 13.82 21.41 4.98
CA CYS B 5 13.13 20.14 5.00
C CYS B 5 14.01 18.99 5.47
N SER B 6 15.34 19.13 5.34
CA SER B 6 16.29 18.12 5.76
C SER B 6 16.52 18.07 7.27
N LEU B 7 16.01 19.06 8.01
N LEU B 7 15.96 19.05 8.00
CA LEU B 7 16.18 19.16 9.46
CA LEU B 7 16.16 19.13 9.43
C LEU B 7 14.78 19.12 10.08
C LEU B 7 14.78 19.12 10.09
N ASP B 8 14.46 18.03 10.78
CA ASP B 8 13.17 17.89 11.43
C ASP B 8 11.99 18.10 10.51
N ASN B 9 12.19 17.63 9.29
CA ASN B 9 11.18 17.84 8.25
C ASN B 9 10.62 19.28 8.17
N GLY B 10 11.51 20.28 8.35
CA GLY B 10 11.09 21.68 8.34
C GLY B 10 10.12 22.07 9.44
N ASP B 11 10.03 21.23 10.47
CA ASP B 11 9.04 21.26 11.56
C ASP B 11 7.61 20.89 11.16
N CYS B 12 7.45 20.49 9.82
CA CYS B 12 6.16 20.12 9.24
C CYS B 12 5.68 18.80 9.81
N ASP B 13 4.39 18.72 10.13
CA ASP B 13 3.84 17.42 10.53
C ASP B 13 3.88 16.37 9.44
N GLN B 14 3.62 16.82 8.19
CA GLN B 14 3.45 15.90 7.06
C GLN B 14 4.38 16.34 5.93
N PHE B 15 3.86 17.00 4.91
CA PHE B 15 4.68 17.32 3.74
C PHE B 15 5.47 18.60 3.98
N CYS B 16 6.70 18.58 3.45
CA CYS B 16 7.60 19.73 3.49
C CYS B 16 8.15 19.93 2.07
N HIS B 17 8.17 21.16 1.59
N HIS B 17 8.13 21.19 1.63
CA HIS B 17 8.95 21.48 0.40
CA HIS B 17 8.80 21.63 0.40
C HIS B 17 9.51 22.88 0.61
C HIS B 17 9.55 22.92 0.68
N GLU B 18 10.52 23.25 -0.17
CA GLU B 18 11.13 24.59 -0.16
C GLU B 18 10.75 25.34 -1.44
N GLU B 19 10.20 26.54 -1.28
CA GLU B 19 9.84 27.44 -2.37
C GLU B 19 10.57 28.75 -2.18
N GLN B 20 11.25 29.21 -3.23
CA GLN B 20 11.99 30.46 -3.23
C GLN B 20 12.85 30.53 -1.96
N ASN B 21 13.39 29.36 -1.60
CA ASN B 21 14.35 29.20 -0.52
C ASN B 21 13.71 29.23 0.90
N SER B 22 12.41 28.98 1.02
CA SER B 22 11.71 28.96 2.31
C SER B 22 10.87 27.69 2.44
N VAL B 23 10.81 27.13 3.64
CA VAL B 23 9.97 25.97 3.91
C VAL B 23 8.50 26.33 3.78
N VAL B 24 7.77 25.43 3.13
CA VAL B 24 6.32 25.44 3.11
C VAL B 24 5.84 24.04 3.48
N CYS B 25 5.00 23.98 4.50
CA CYS B 25 4.41 22.71 4.92
C CYS B 25 3.05 22.56 4.28
N SER B 26 2.60 21.29 4.16
CA SER B 26 1.25 20.98 3.70
C SER B 26 0.85 19.61 4.26
N CYS B 27 -0.39 19.22 3.98
CA CYS B 27 -1.00 18.06 4.62
C CYS B 27 -1.78 17.23 3.59
N ALA B 28 -2.02 15.96 3.95
CA ALA B 28 -2.82 15.09 3.13
C ALA B 28 -4.27 15.53 3.13
N ARG B 29 -4.98 15.00 2.14
CA ARG B 29 -6.43 15.28 2.08
C ARG B 29 -7.09 14.83 3.37
N GLY B 30 -8.01 15.64 3.87
CA GLY B 30 -8.68 15.36 5.13
C GLY B 30 -7.97 15.93 6.36
N TYR B 31 -6.95 16.76 6.11
CA TYR B 31 -6.27 17.51 7.15
C TYR B 31 -6.23 18.96 6.72
N THR B 32 -6.26 19.85 7.72
CA THR B 32 -6.11 21.28 7.50
C THR B 32 -4.78 21.74 8.09
N LEU B 33 -4.03 22.59 7.38
CA LEU B 33 -2.79 23.13 7.95
C LEU B 33 -3.15 24.11 9.06
N ALA B 34 -2.53 23.90 10.22
CA ALA B 34 -2.78 24.72 11.40
C ALA B 34 -2.29 26.15 11.19
N ASP B 35 -2.73 27.04 12.06
CA ASP B 35 -2.35 28.44 12.02
C ASP B 35 -0.84 28.64 12.03
N ASN B 36 -0.11 27.76 12.72
CA ASN B 36 1.33 27.89 12.79
C ASN B 36 2.03 27.51 11.49
N GLY B 37 1.30 27.04 10.48
CA GLY B 37 1.85 26.69 9.17
C GLY B 37 2.65 25.39 9.17
N LYS B 38 2.53 24.61 10.25
N LYS B 38 2.50 24.59 10.21
CA LYS B 38 3.35 23.41 10.50
CA LYS B 38 3.32 23.39 10.34
C LYS B 38 2.46 22.17 10.66
C LYS B 38 2.46 22.16 10.64
N ALA B 39 1.54 22.26 11.62
CA ALA B 39 0.79 21.10 12.07
C ALA B 39 -0.35 20.77 11.12
N CYS B 40 -0.79 19.52 11.15
CA CYS B 40 -1.88 19.04 10.31
C CYS B 40 -3.02 18.59 11.22
N ILE B 41 -4.18 19.22 11.07
N ILE B 41 -4.20 19.18 11.01
CA ILE B 41 -5.31 18.94 11.94
CA ILE B 41 -5.35 18.98 11.87
C ILE B 41 -6.38 18.17 11.16
C ILE B 41 -6.41 18.16 11.13
N PRO B 42 -6.80 16.96 11.62
CA PRO B 42 -7.81 16.18 10.91
C PRO B 42 -9.13 16.93 10.86
N THR B 43 -9.83 16.78 9.73
CA THR B 43 -11.16 17.41 9.55
C THR B 43 -12.32 16.50 9.96
N GLY B 44 -12.05 15.25 10.29
CA GLY B 44 -13.07 14.27 10.65
C GLY B 44 -12.50 13.12 11.46
N PRO B 45 -13.31 12.11 11.89
CA PRO B 45 -12.82 11.11 12.89
C PRO B 45 -11.93 9.92 12.50
N TYR B 46 -11.91 9.69 11.21
CA TYR B 46 -11.10 8.65 10.56
C TYR B 46 -10.21 9.28 9.49
N PRO B 47 -9.29 10.16 9.90
CA PRO B 47 -8.37 10.77 8.97
C PRO B 47 -7.44 9.72 8.39
N CYS B 48 -6.91 9.97 7.19
CA CYS B 48 -6.08 8.97 6.57
C CYS B 48 -4.81 8.73 7.39
N GLY B 49 -4.33 7.51 7.32
CA GLY B 49 -3.02 7.21 7.82
C GLY B 49 -2.94 7.06 9.33
N LYS B 50 -4.08 7.12 10.03
CA LYS B 50 -4.09 6.93 11.48
C LYS B 50 -4.76 5.60 11.78
N GLN B 51 -4.07 4.82 12.60
CA GLN B 51 -4.62 3.57 13.12
C GLN B 51 -5.83 3.92 13.98
N THR B 52 -6.78 3.01 14.06
CA THR B 52 -8.02 3.30 14.75
C THR B 52 -7.93 2.82 16.20
N LEU B 53 -8.54 3.58 17.11
CA LEU B 53 -8.39 3.35 18.56
C LEU B 53 -9.70 2.85 19.19
N ASP C 6 -2.73 8.50 -23.56
CA ASP C 6 -1.37 9.08 -23.43
C ASP C 6 -0.41 7.94 -23.05
N GLU C 7 0.65 8.28 -22.31
CA GLU C 7 1.64 7.32 -21.81
C GLU C 7 1.28 6.90 -20.38
N ASP C 8 0.10 7.33 -19.92
CA ASP C 8 -0.25 7.13 -18.53
C ASP C 8 -1.77 6.97 -18.55
N SER C 9 -2.27 6.15 -19.48
CA SER C 9 -3.69 6.06 -19.64
C SER C 9 -4.19 4.73 -19.02
N GLU D 1 7.49 -14.32 -10.39
CA GLU D 1 6.12 -14.92 -10.35
C GLU D 1 5.23 -13.86 -9.71
N GLY D 2 4.10 -13.60 -10.36
CA GLY D 2 3.22 -12.56 -9.87
C GLY D 2 2.62 -12.93 -8.52
#